data_8QXX
#
_entry.id   8QXX
#
_cell.length_a   78.850
_cell.length_b   89.761
_cell.length_c   97.595
_cell.angle_alpha   90.000
_cell.angle_beta   90.000
_cell.angle_gamma   90.000
#
_symmetry.space_group_name_H-M   'P 21 21 21'
#
loop_
_entity.id
_entity.type
_entity.pdbx_description
1 polymer 'Importin subunit alpha-1'
2 polymer 'DNA polymerase processivity factor'
3 water water
#
loop_
_entity_poly.entity_id
_entity_poly.type
_entity_poly.pdbx_seq_one_letter_code
_entity_poly.pdbx_strand_id
1 'polypeptide(L)'
;MHHHHHHSSGLVPRGSGMLETAAALFERNHMDSPDLGTDDDDLAMADIGSNQGTVNWSVEDIVKGINSNNLESQLQATQA
ARKLLSREKQPPIDNIIRAGLIPKFVSFLGKTDCSPIQFESAWALTNIASGTSEQTKAVVDGGAIPAFISLLASPHAHIS
EQAVWALGNIAGDGSAFRDLVIKHGAIDPLLALLAVPDLSTLACGYLRNLTWTLSNLCRNKNPAPPLDAVEQILPTLVRL
LHHNDPEVLADSCWAISYLTDGPNERIEMVVKKGVVPQLVKLLGATELPIVTPALRAIGNIVTGTDEQTQKVIDAGALAV
FPSLLTNPKTNIQKEATWTMSNITAGRQDQIQQVVNHGLVPFLVGVLSKADFKTQKEAAWAITNYTSGGTVEQIVYLVHC
GIIEPLMNLLSAKDTKIIQVILDAISNIFQAAEKLGETEKLSIMIEECGGLDKIEALQRHENESVYKASLNLIEKYFSVE
EEEDQNVVPETTSEGFAFQVQDGAPGTFNF
;
A
2 'polypeptide(L)' KEESDSEDSVTFEFVPN(TPO)KKQKCG B
#
# COMPACT_ATOMS: atom_id res chain seq x y z
N GLY A 53 9.18 -25.53 32.93
CA GLY A 53 8.59 -26.85 32.71
C GLY A 53 8.51 -27.26 31.25
N THR A 54 8.01 -26.36 30.40
CA THR A 54 7.95 -26.54 28.96
C THR A 54 8.95 -25.65 28.21
N VAL A 55 9.96 -25.16 28.91
CA VAL A 55 10.92 -24.24 28.36
C VAL A 55 12.13 -25.05 27.87
N ASN A 56 12.53 -24.81 26.63
CA ASN A 56 13.77 -25.35 26.08
C ASN A 56 13.74 -26.86 25.97
N TRP A 57 12.59 -27.42 25.59
CA TRP A 57 12.54 -28.83 25.25
C TRP A 57 13.33 -29.04 23.98
N SER A 58 13.90 -30.22 23.84
CA SER A 58 14.41 -30.64 22.56
C SER A 58 13.26 -31.06 21.64
N VAL A 59 13.49 -30.97 20.33
CA VAL A 59 12.50 -31.48 19.39
C VAL A 59 12.23 -32.96 19.64
N GLU A 60 13.28 -33.70 20.00
CA GLU A 60 13.14 -35.11 20.31
C GLU A 60 12.14 -35.34 21.44
N ASP A 61 12.17 -34.52 22.49
CA ASP A 61 11.25 -34.72 23.61
C ASP A 61 9.83 -34.28 23.24
N ILE A 62 9.70 -33.21 22.45
CA ILE A 62 8.39 -32.83 21.94
C ILE A 62 7.80 -33.98 21.16
N VAL A 63 8.60 -34.61 20.29
CA VAL A 63 8.08 -35.72 19.49
C VAL A 63 7.62 -36.86 20.40
N LYS A 64 8.46 -37.26 21.33
CA LYS A 64 8.08 -38.31 22.29
C LYS A 64 6.74 -37.98 22.97
N GLY A 65 6.58 -36.74 23.42
CA GLY A 65 5.34 -36.35 24.10
C GLY A 65 4.13 -36.37 23.18
N ILE A 66 4.28 -35.82 21.97
CA ILE A 66 3.16 -35.82 21.04
C ILE A 66 2.74 -37.24 20.68
N ASN A 67 3.68 -38.16 20.60
CA ASN A 67 3.39 -39.53 20.18
C ASN A 67 2.95 -40.43 21.32
N SER A 68 2.74 -39.89 22.51
CA SER A 68 2.47 -40.69 23.70
C SER A 68 1.05 -41.24 23.79
N ASN A 69 0.12 -40.69 23.05
CA ASN A 69 -1.29 -41.09 23.22
C ASN A 69 -1.82 -40.83 24.63
N ASN A 70 -1.20 -39.90 25.35
CA ASN A 70 -1.73 -39.37 26.60
C ASN A 70 -2.01 -37.90 26.31
N LEU A 71 -3.28 -37.50 26.32
CA LEU A 71 -3.64 -36.13 25.90
C LEU A 71 -2.91 -35.06 26.68
N GLU A 72 -2.75 -35.26 27.99
N GLU A 72 -2.78 -35.23 28.01
CA GLU A 72 -2.08 -34.25 28.79
CA GLU A 72 -2.08 -34.24 28.82
C GLU A 72 -0.60 -34.20 28.47
C GLU A 72 -0.59 -34.21 28.49
N SER A 73 0.03 -35.37 28.23
CA SER A 73 1.40 -35.39 27.75
C SER A 73 1.50 -34.71 26.38
N GLN A 74 0.55 -34.95 25.50
CA GLN A 74 0.55 -34.26 24.21
C GLN A 74 0.38 -32.74 24.36
N LEU A 75 -0.49 -32.32 25.28
CA LEU A 75 -0.65 -30.89 25.60
C LEU A 75 0.67 -30.26 26.07
N GLN A 76 1.38 -30.91 26.99
CA GLN A 76 2.62 -30.31 27.48
C GLN A 76 3.62 -30.18 26.36
N ALA A 77 3.72 -31.21 25.52
CA ALA A 77 4.69 -31.20 24.45
C ALA A 77 4.33 -30.15 23.40
N THR A 78 3.04 -29.97 23.14
CA THR A 78 2.59 -28.95 22.18
C THR A 78 2.88 -27.56 22.70
N GLN A 79 2.63 -27.33 24.00
CA GLN A 79 3.06 -26.07 24.58
C GLN A 79 4.57 -25.89 24.44
N ALA A 80 5.36 -26.95 24.65
CA ALA A 80 6.79 -26.81 24.54
C ALA A 80 7.17 -26.40 23.13
N ALA A 81 6.53 -27.02 22.14
CA ALA A 81 6.69 -26.63 20.73
C ALA A 81 6.33 -25.18 20.52
N ARG A 82 5.16 -24.78 21.01
CA ARG A 82 4.75 -23.38 20.90
C ARG A 82 5.82 -22.45 21.43
N LYS A 83 6.40 -22.76 22.61
CA LYS A 83 7.41 -21.88 23.16
C LYS A 83 8.64 -21.83 22.27
N LEU A 84 9.11 -22.98 21.76
CA LEU A 84 10.23 -22.95 20.84
C LEU A 84 9.93 -22.04 19.65
N LEU A 85 8.75 -22.21 19.06
CA LEU A 85 8.35 -21.48 17.84
C LEU A 85 8.04 -20.01 18.11
N SER A 86 8.02 -19.57 19.37
CA SER A 86 7.72 -18.20 19.75
C SER A 86 8.97 -17.36 19.93
N ARG A 87 10.13 -17.96 19.81
CA ARG A 87 11.38 -17.25 20.02
C ARG A 87 11.70 -16.42 18.79
N GLU A 88 12.09 -15.15 19.01
CA GLU A 88 12.29 -14.27 17.85
C GLU A 88 13.54 -14.66 17.08
N LYS A 89 14.55 -15.18 17.76
CA LYS A 89 15.82 -15.52 17.13
C LYS A 89 15.73 -16.95 16.60
N GLN A 90 15.74 -17.07 15.28
CA GLN A 90 15.79 -18.35 14.55
C GLN A 90 14.85 -19.40 15.16
N PRO A 91 13.55 -19.12 15.22
CA PRO A 91 12.61 -20.18 15.66
C PRO A 91 12.85 -21.39 14.80
N PRO A 92 12.94 -22.62 15.40
CA PRO A 92 13.28 -23.86 14.69
C PRO A 92 12.13 -24.44 13.85
N ILE A 93 11.59 -23.61 12.95
CA ILE A 93 10.41 -24.01 12.18
C ILE A 93 10.71 -25.27 11.36
N ASP A 94 11.86 -25.31 10.66
CA ASP A 94 12.11 -26.44 9.77
C ASP A 94 12.32 -27.73 10.57
N ASN A 95 12.97 -27.63 11.73
CA ASN A 95 13.15 -28.82 12.58
C ASN A 95 11.81 -29.41 13.01
N ILE A 96 10.86 -28.53 13.38
CA ILE A 96 9.52 -28.98 13.75
C ILE A 96 8.78 -29.60 12.56
N ILE A 97 8.90 -29.00 11.38
CA ILE A 97 8.24 -29.59 10.22
C ILE A 97 8.84 -30.97 9.93
N ARG A 98 10.17 -31.04 9.91
CA ARG A 98 10.84 -32.30 9.57
C ARG A 98 10.52 -33.39 10.58
N ALA A 99 10.23 -33.02 11.82
CA ALA A 99 9.83 -34.01 12.82
C ALA A 99 8.44 -34.55 12.58
N GLY A 100 7.74 -34.09 11.54
CA GLY A 100 6.43 -34.64 11.24
C GLY A 100 5.30 -34.12 12.08
N LEU A 101 5.45 -32.97 12.73
CA LEU A 101 4.50 -32.59 13.77
C LEU A 101 3.27 -31.88 13.25
N ILE A 102 3.27 -31.37 12.02
CA ILE A 102 2.12 -30.58 11.57
C ILE A 102 0.83 -31.40 11.61
N PRO A 103 0.76 -32.62 11.07
CA PRO A 103 -0.52 -33.35 11.12
C PRO A 103 -1.04 -33.56 12.52
N LYS A 104 -0.14 -33.79 13.49
CA LYS A 104 -0.59 -33.93 14.88
C LYS A 104 -1.19 -32.61 15.38
N PHE A 105 -0.49 -31.50 15.18
CA PHE A 105 -1.03 -30.18 15.55
C PHE A 105 -2.40 -29.96 14.93
N VAL A 106 -2.55 -30.31 13.65
CA VAL A 106 -3.84 -30.10 12.99
C VAL A 106 -4.92 -30.96 13.64
N SER A 107 -4.61 -32.22 14.00
CA SER A 107 -5.64 -33.00 14.67
C SER A 107 -6.01 -32.37 16.00
N PHE A 108 -5.04 -31.79 16.70
CA PHE A 108 -5.31 -31.17 18.00
C PHE A 108 -6.21 -29.95 17.89
N LEU A 109 -6.30 -29.32 16.72
CA LEU A 109 -7.25 -28.23 16.53
C LEU A 109 -8.69 -28.70 16.71
N GLY A 110 -8.95 -29.98 16.48
CA GLY A 110 -10.30 -30.50 16.60
C GLY A 110 -10.66 -31.06 17.98
N LYS A 111 -9.81 -30.95 18.99
CA LYS A 111 -10.05 -31.53 20.34
C LYS A 111 -10.86 -30.53 21.18
N THR A 112 -12.15 -30.51 20.89
CA THR A 112 -13.05 -29.56 21.54
C THR A 112 -13.03 -29.71 23.05
N ASP A 113 -12.74 -30.91 23.56
CA ASP A 113 -12.77 -31.15 24.99
C ASP A 113 -11.50 -30.74 25.68
N CYS A 114 -10.47 -30.35 24.93
CA CYS A 114 -9.21 -29.92 25.52
C CYS A 114 -8.87 -28.61 24.82
N SER A 115 -9.55 -27.55 25.23
CA SER A 115 -9.33 -26.26 24.59
C SER A 115 -7.90 -25.81 24.75
N PRO A 116 -7.18 -26.13 25.83
CA PRO A 116 -5.77 -25.71 25.86
C PRO A 116 -4.95 -26.28 24.71
N ILE A 117 -5.17 -27.53 24.31
CA ILE A 117 -4.34 -28.07 23.24
C ILE A 117 -4.78 -27.49 21.90
N GLN A 118 -6.06 -27.10 21.78
CA GLN A 118 -6.51 -26.35 20.62
C GLN A 118 -5.74 -25.04 20.48
N PHE A 119 -5.63 -24.31 21.60
CA PHE A 119 -4.93 -23.03 21.61
C PHE A 119 -3.45 -23.20 21.34
N GLU A 120 -2.81 -24.14 22.04
CA GLU A 120 -1.38 -24.30 21.87
C GLU A 120 -1.07 -24.77 20.44
N SER A 121 -1.87 -25.68 19.90
CA SER A 121 -1.59 -26.13 18.54
C SER A 121 -1.87 -25.02 17.53
N ALA A 122 -2.93 -24.23 17.75
CA ALA A 122 -3.21 -23.08 16.87
C ALA A 122 -2.05 -22.10 16.87
N TRP A 123 -1.47 -21.86 18.05
CA TRP A 123 -0.36 -20.92 18.16
C TRP A 123 0.87 -21.47 17.48
N ALA A 124 1.20 -22.72 17.75
CA ALA A 124 2.34 -23.34 17.08
C ALA A 124 2.18 -23.24 15.56
N LEU A 125 1.01 -23.59 15.03
CA LEU A 125 0.82 -23.56 13.59
C LEU A 125 0.80 -22.13 13.04
N THR A 126 0.30 -21.17 13.81
CA THR A 126 0.37 -19.78 13.43
C THR A 126 1.81 -19.40 13.16
N ASN A 127 2.70 -19.85 14.01
CA ASN A 127 4.08 -19.45 13.87
C ASN A 127 4.80 -20.22 12.80
N ILE A 128 4.42 -21.47 12.54
CA ILE A 128 4.94 -22.11 11.33
C ILE A 128 4.49 -21.32 10.09
N ALA A 129 3.19 -21.03 10.01
CA ALA A 129 2.65 -20.32 8.86
C ALA A 129 3.17 -18.89 8.73
N SER A 130 3.79 -18.32 9.78
CA SER A 130 4.39 -17.01 9.69
C SER A 130 5.72 -16.99 8.90
N GLY A 131 6.25 -18.15 8.53
CA GLY A 131 7.53 -18.24 7.85
C GLY A 131 7.51 -18.06 6.34
N THR A 132 8.34 -18.83 5.66
CA THR A 132 8.43 -18.79 4.21
C THR A 132 7.20 -19.40 3.57
N SER A 133 7.09 -19.19 2.26
N SER A 133 7.06 -19.21 2.25
CA SER A 133 6.01 -19.82 1.50
CA SER A 133 5.96 -19.85 1.53
C SER A 133 6.03 -21.34 1.68
C SER A 133 6.02 -21.36 1.68
N GLU A 134 7.22 -21.94 1.71
CA GLU A 134 7.30 -23.39 1.88
C GLU A 134 6.79 -23.79 3.27
N GLN A 135 7.11 -23.00 4.28
CA GLN A 135 6.64 -23.30 5.64
C GLN A 135 5.14 -23.14 5.72
N THR A 136 4.58 -22.06 5.16
CA THR A 136 3.14 -21.90 5.14
C THR A 136 2.47 -23.03 4.38
N LYS A 137 3.06 -23.43 3.25
CA LYS A 137 2.51 -24.54 2.47
C LYS A 137 2.44 -25.83 3.29
N ALA A 138 3.43 -26.08 4.13
CA ALA A 138 3.37 -27.27 5.00
C ALA A 138 2.13 -27.25 5.87
N VAL A 139 1.77 -26.06 6.38
CA VAL A 139 0.60 -25.93 7.23
C VAL A 139 -0.67 -26.17 6.44
N VAL A 140 -0.79 -25.54 5.27
CA VAL A 140 -1.91 -25.77 4.38
C VAL A 140 -2.01 -27.24 3.98
N ASP A 141 -0.88 -27.86 3.64
CA ASP A 141 -0.89 -29.24 3.20
C ASP A 141 -1.33 -30.18 4.31
N GLY A 142 -1.19 -29.79 5.57
CA GLY A 142 -1.66 -30.58 6.71
C GLY A 142 -3.15 -30.52 6.95
N GLY A 143 -3.89 -29.73 6.16
CA GLY A 143 -5.32 -29.60 6.35
C GLY A 143 -5.74 -28.49 7.27
N ALA A 144 -4.85 -27.54 7.56
CA ALA A 144 -5.12 -26.58 8.62
C ALA A 144 -6.21 -25.59 8.25
N ILE A 145 -6.45 -25.32 6.96
CA ILE A 145 -7.40 -24.26 6.63
C ILE A 145 -8.81 -24.55 7.16
N PRO A 146 -9.44 -25.68 6.85
CA PRO A 146 -10.80 -25.92 7.38
C PRO A 146 -10.85 -26.07 8.89
N ALA A 147 -9.78 -26.61 9.47
CA ALA A 147 -9.71 -26.73 10.92
C ALA A 147 -9.68 -25.36 11.58
N PHE A 148 -8.91 -24.41 11.03
CA PHE A 148 -8.90 -23.08 11.60
C PHE A 148 -10.22 -22.39 11.40
N ILE A 149 -10.86 -22.61 10.24
CA ILE A 149 -12.13 -21.94 9.98
C ILE A 149 -13.18 -22.44 10.99
N SER A 150 -13.13 -23.72 11.32
CA SER A 150 -14.06 -24.24 12.34
C SER A 150 -13.82 -23.61 13.71
N LEU A 151 -12.59 -23.18 14.02
CA LEU A 151 -12.28 -22.58 15.30
C LEU A 151 -12.69 -21.11 15.38
N LEU A 152 -13.09 -20.51 14.27
CA LEU A 152 -13.55 -19.13 14.32
C LEU A 152 -14.77 -18.99 15.21
N ALA A 153 -15.62 -20.02 15.26
CA ALA A 153 -16.84 -20.00 16.08
C ALA A 153 -16.60 -20.52 17.49
N SER A 154 -15.36 -20.62 17.91
CA SER A 154 -15.11 -21.20 19.21
C SER A 154 -15.63 -20.28 20.30
N PRO A 155 -16.23 -20.84 21.35
CA PRO A 155 -16.65 -19.99 22.47
C PRO A 155 -15.51 -19.37 23.22
N HIS A 156 -14.26 -19.80 22.96
CA HIS A 156 -13.10 -19.28 23.66
C HIS A 156 -12.49 -18.20 22.79
N ALA A 157 -12.55 -16.96 23.25
CA ALA A 157 -12.17 -15.86 22.38
C ALA A 157 -10.72 -15.96 21.99
N HIS A 158 -9.86 -16.44 22.88
CA HIS A 158 -8.44 -16.47 22.54
C HIS A 158 -8.13 -17.53 21.48
N ILE A 159 -9.00 -18.54 21.35
CA ILE A 159 -8.84 -19.56 20.33
C ILE A 159 -9.36 -19.06 19.00
N SER A 160 -10.52 -18.41 19.02
CA SER A 160 -11.02 -17.75 17.83
C SER A 160 -9.99 -16.78 17.27
N GLU A 161 -9.46 -15.91 18.13
CA GLU A 161 -8.45 -14.96 17.72
C GLU A 161 -7.21 -15.65 17.16
N GLN A 162 -6.76 -16.76 17.78
CA GLN A 162 -5.58 -17.44 17.24
C GLN A 162 -5.85 -17.99 15.83
N ALA A 163 -7.07 -18.41 15.57
CA ALA A 163 -7.44 -18.94 14.26
C ALA A 163 -7.52 -17.82 13.24
N VAL A 164 -8.00 -16.65 13.68
CA VAL A 164 -8.00 -15.47 12.83
C VAL A 164 -6.58 -15.16 12.39
N TRP A 165 -5.66 -15.20 13.34
CA TRP A 165 -4.27 -14.87 13.11
C TRP A 165 -3.64 -15.87 12.14
N ALA A 166 -3.86 -17.17 12.37
CA ALA A 166 -3.26 -18.19 11.49
C ALA A 166 -3.76 -18.03 10.06
N LEU A 167 -5.05 -17.80 9.91
CA LEU A 167 -5.63 -17.58 8.59
C LEU A 167 -5.09 -16.30 7.94
N GLY A 168 -4.81 -15.26 8.71
CA GLY A 168 -4.15 -14.10 8.14
C GLY A 168 -2.78 -14.41 7.58
N ASN A 169 -2.00 -15.24 8.29
CA ASN A 169 -0.69 -15.65 7.80
C ASN A 169 -0.79 -16.48 6.52
N ILE A 170 -1.75 -17.42 6.49
CA ILE A 170 -1.92 -18.27 5.31
C ILE A 170 -2.35 -17.43 4.11
N ALA A 171 -3.41 -16.62 4.28
CA ALA A 171 -3.86 -15.75 3.18
C ALA A 171 -2.77 -14.78 2.74
N GLY A 172 -1.95 -14.27 3.66
CA GLY A 172 -0.91 -13.32 3.28
C GLY A 172 0.24 -13.92 2.49
N ASP A 173 0.28 -15.24 2.39
CA ASP A 173 1.33 -15.83 1.60
C ASP A 173 1.23 -15.41 0.13
N GLY A 174 0.03 -15.22 -0.40
CA GLY A 174 -0.13 -15.03 -1.84
C GLY A 174 -1.55 -15.24 -2.29
N SER A 175 -1.80 -14.89 -3.57
N SER A 175 -1.78 -14.89 -3.56
CA SER A 175 -3.16 -14.90 -4.08
CA SER A 175 -3.14 -14.90 -4.13
C SER A 175 -3.77 -16.30 -4.05
C SER A 175 -3.76 -16.28 -4.06
N ALA A 176 -2.97 -17.33 -4.31
CA ALA A 176 -3.53 -18.67 -4.39
C ALA A 176 -4.01 -19.13 -3.03
N PHE A 177 -3.18 -18.97 -2.00
CA PHE A 177 -3.65 -19.39 -0.66
C PHE A 177 -4.74 -18.46 -0.16
N ARG A 178 -4.66 -17.16 -0.48
CA ARG A 178 -5.76 -16.25 -0.17
C ARG A 178 -7.06 -16.77 -0.74
N ASP A 179 -7.06 -17.09 -2.03
CA ASP A 179 -8.30 -17.56 -2.64
C ASP A 179 -8.71 -18.91 -2.12
N LEU A 180 -7.74 -19.72 -1.66
CA LEU A 180 -8.10 -21.02 -1.10
C LEU A 180 -8.77 -20.87 0.26
N VAL A 181 -8.29 -19.92 1.07
CA VAL A 181 -8.95 -19.58 2.32
C VAL A 181 -10.38 -19.11 2.05
N ILE A 182 -10.57 -18.31 1.01
CA ILE A 182 -11.91 -17.84 0.68
C ILE A 182 -12.80 -18.99 0.23
N LYS A 183 -12.26 -19.90 -0.59
CA LYS A 183 -13.07 -21.01 -1.08
C LYS A 183 -13.49 -21.95 0.06
N HIS A 184 -12.64 -22.10 1.09
CA HIS A 184 -13.04 -22.93 2.24
C HIS A 184 -14.08 -22.22 3.12
N GLY A 185 -14.47 -20.99 2.77
CA GLY A 185 -15.55 -20.33 3.47
C GLY A 185 -15.17 -19.47 4.66
N ALA A 186 -14.00 -18.84 4.65
CA ALA A 186 -13.58 -18.08 5.82
C ALA A 186 -14.31 -16.76 6.01
N ILE A 187 -14.85 -16.15 4.97
CA ILE A 187 -15.31 -14.77 5.07
C ILE A 187 -16.54 -14.68 5.96
N ASP A 188 -17.53 -15.55 5.75
CA ASP A 188 -18.76 -15.47 6.55
C ASP A 188 -18.46 -15.50 8.06
N PRO A 189 -17.71 -16.48 8.59
CA PRO A 189 -17.45 -16.47 10.03
C PRO A 189 -16.52 -15.37 10.50
N LEU A 190 -15.58 -14.94 9.67
CA LEU A 190 -14.79 -13.77 10.05
C LEU A 190 -15.68 -12.54 10.19
N LEU A 191 -16.57 -12.32 9.22
CA LEU A 191 -17.40 -11.14 9.29
C LEU A 191 -18.38 -11.23 10.45
N ALA A 192 -18.83 -12.44 10.76
CA ALA A 192 -19.74 -12.63 11.88
C ALA A 192 -19.12 -12.18 13.19
N LEU A 193 -17.78 -12.33 13.35
CA LEU A 193 -17.16 -11.87 14.59
C LEU A 193 -17.22 -10.34 14.75
N LEU A 194 -17.40 -9.59 13.67
CA LEU A 194 -17.41 -8.13 13.68
C LEU A 194 -18.81 -7.56 13.54
N ALA A 195 -19.83 -8.43 13.50
CA ALA A 195 -21.21 -7.97 13.29
C ALA A 195 -21.81 -7.62 14.65
N VAL A 196 -21.32 -6.51 15.18
CA VAL A 196 -21.73 -6.01 16.50
C VAL A 196 -22.18 -4.57 16.32
N PRO A 197 -23.06 -4.07 17.19
CA PRO A 197 -23.50 -2.66 17.08
C PRO A 197 -22.38 -1.66 17.17
N ASP A 198 -21.44 -1.86 18.09
CA ASP A 198 -20.32 -0.94 18.27
C ASP A 198 -19.03 -1.75 18.42
N LEU A 199 -18.08 -1.52 17.50
CA LEU A 199 -16.80 -2.21 17.50
C LEU A 199 -16.04 -1.99 18.80
N SER A 200 -16.32 -0.88 19.50
CA SER A 200 -15.61 -0.57 20.74
C SER A 200 -15.85 -1.60 21.83
N THR A 201 -16.87 -2.46 21.71
CA THR A 201 -17.05 -3.48 22.73
C THR A 201 -16.11 -4.68 22.56
N LEU A 202 -15.43 -4.78 21.42
CA LEU A 202 -14.47 -5.86 21.22
C LEU A 202 -13.13 -5.48 21.84
N ALA A 203 -12.41 -6.51 22.28
CA ALA A 203 -11.06 -6.32 22.75
C ALA A 203 -10.23 -5.71 21.63
N CYS A 204 -9.35 -4.78 22.00
CA CYS A 204 -8.53 -4.08 21.03
C CYS A 204 -7.67 -5.05 20.22
N GLY A 205 -7.01 -5.99 20.88
CA GLY A 205 -6.14 -6.89 20.17
C GLY A 205 -6.90 -7.75 19.19
N TYR A 206 -8.07 -8.23 19.61
CA TYR A 206 -8.91 -9.07 18.75
C TYR A 206 -9.32 -8.32 17.49
N LEU A 207 -9.79 -7.08 17.68
CA LEU A 207 -10.19 -6.25 16.54
C LEU A 207 -9.00 -5.96 15.60
N ARG A 208 -7.81 -5.71 16.14
CA ARG A 208 -6.66 -5.46 15.29
C ARG A 208 -6.31 -6.67 14.47
N ASN A 209 -6.45 -7.87 15.06
CA ASN A 209 -6.16 -9.09 14.33
C ASN A 209 -7.17 -9.35 13.25
N LEU A 210 -8.45 -9.20 13.57
CA LEU A 210 -9.48 -9.36 12.56
C LEU A 210 -9.27 -8.38 11.41
N THR A 211 -8.93 -7.13 11.72
CA THR A 211 -8.72 -6.13 10.66
C THR A 211 -7.52 -6.52 9.80
N TRP A 212 -6.43 -6.95 10.46
CA TRP A 212 -5.24 -7.34 9.71
C TRP A 212 -5.52 -8.55 8.80
N THR A 213 -6.19 -9.57 9.32
CA THR A 213 -6.53 -10.74 8.50
C THR A 213 -7.42 -10.38 7.31
N LEU A 214 -8.46 -9.55 7.53
CA LEU A 214 -9.28 -9.09 6.42
C LEU A 214 -8.45 -8.32 5.40
N SER A 215 -7.45 -7.58 5.87
CA SER A 215 -6.60 -6.85 4.94
C SER A 215 -5.81 -7.79 4.05
N ASN A 216 -5.38 -8.94 4.59
CA ASN A 216 -4.71 -9.92 3.75
C ASN A 216 -5.65 -10.58 2.75
N LEU A 217 -6.94 -10.70 3.07
CA LEU A 217 -7.88 -11.24 2.10
C LEU A 217 -8.14 -10.23 0.98
N CYS A 218 -7.84 -8.96 1.21
CA CYS A 218 -7.97 -7.91 0.19
C CYS A 218 -6.70 -7.69 -0.59
N ARG A 219 -5.58 -8.25 -0.12
CA ARG A 219 -4.26 -7.99 -0.68
C ARG A 219 -3.93 -8.90 -1.86
N ASN A 220 -3.00 -8.43 -2.69
CA ASN A 220 -2.35 -9.16 -3.78
C ASN A 220 -3.16 -9.19 -5.06
N LYS A 221 -2.45 -9.42 -6.16
CA LYS A 221 -3.00 -9.37 -7.50
C LYS A 221 -2.54 -10.57 -8.30
N ASN A 222 -2.97 -10.61 -9.55
CA ASN A 222 -2.69 -11.72 -10.44
C ASN A 222 -3.09 -13.05 -9.79
N PRO A 223 -4.36 -13.22 -9.49
CA PRO A 223 -5.45 -12.26 -9.68
C PRO A 223 -5.71 -11.43 -8.44
N ALA A 224 -6.47 -10.37 -8.60
CA ALA A 224 -7.07 -9.67 -7.47
C ALA A 224 -8.06 -10.61 -6.78
N PRO A 225 -8.47 -10.27 -5.56
CA PRO A 225 -9.44 -11.09 -4.86
C PRO A 225 -10.73 -11.20 -5.65
N PRO A 226 -11.48 -12.29 -5.46
CA PRO A 226 -12.76 -12.44 -6.19
C PRO A 226 -13.70 -11.26 -5.92
N LEU A 227 -14.37 -10.81 -6.99
CA LEU A 227 -15.22 -9.62 -6.85
C LEU A 227 -16.27 -9.80 -5.77
N ASP A 228 -16.86 -10.98 -5.68
CA ASP A 228 -17.92 -11.18 -4.72
C ASP A 228 -17.37 -11.19 -3.30
N ALA A 229 -16.13 -11.64 -3.13
CA ALA A 229 -15.53 -11.59 -1.81
C ALA A 229 -15.31 -10.15 -1.37
N VAL A 230 -14.81 -9.32 -2.27
CA VAL A 230 -14.60 -7.91 -1.98
C VAL A 230 -15.93 -7.24 -1.61
N GLU A 231 -16.99 -7.50 -2.37
CA GLU A 231 -18.27 -6.88 -2.07
C GLU A 231 -18.79 -7.31 -0.71
N GLN A 232 -18.58 -8.58 -0.37
CA GLN A 232 -18.95 -9.11 0.94
C GLN A 232 -18.19 -8.42 2.06
N ILE A 233 -16.90 -8.16 1.85
CA ILE A 233 -16.06 -7.60 2.90
C ILE A 233 -16.27 -6.09 3.05
N LEU A 234 -16.54 -5.39 1.94
CA LEU A 234 -16.43 -3.93 1.97
C LEU A 234 -17.27 -3.25 3.04
N PRO A 235 -18.52 -3.62 3.29
CA PRO A 235 -19.27 -2.90 4.32
C PRO A 235 -18.62 -2.99 5.70
N THR A 236 -18.05 -4.15 6.04
CA THR A 236 -17.38 -4.24 7.32
C THR A 236 -16.10 -3.42 7.31
N LEU A 237 -15.40 -3.44 6.19
CA LEU A 237 -14.18 -2.69 6.10
C LEU A 237 -14.43 -1.21 6.28
N VAL A 238 -15.50 -0.71 5.68
CA VAL A 238 -15.84 0.72 5.81
C VAL A 238 -16.15 1.07 7.25
N ARG A 239 -16.77 0.15 8.00
CA ARG A 239 -16.94 0.40 9.44
C ARG A 239 -15.62 0.42 10.18
N LEU A 240 -14.69 -0.50 9.87
CA LEU A 240 -13.37 -0.47 10.52
C LEU A 240 -12.63 0.82 10.19
N LEU A 241 -12.83 1.34 8.98
CA LEU A 241 -12.14 2.57 8.58
C LEU A 241 -12.61 3.79 9.36
N HIS A 242 -13.74 3.69 10.07
CA HIS A 242 -14.21 4.75 10.92
C HIS A 242 -13.92 4.49 12.39
N HIS A 243 -13.22 3.41 12.70
CA HIS A 243 -12.92 3.09 14.10
C HIS A 243 -11.82 4.03 14.63
N ASN A 244 -11.70 4.09 15.96
CA ASN A 244 -10.80 5.06 16.58
C ASN A 244 -9.41 4.51 16.89
N ASP A 245 -9.17 3.27 16.68
CA ASP A 245 -7.85 2.70 17.03
C ASP A 245 -6.86 2.92 15.89
N PRO A 246 -5.65 3.43 16.19
CA PRO A 246 -4.68 3.74 15.12
C PRO A 246 -4.19 2.54 14.31
N GLU A 247 -4.05 1.36 14.92
CA GLU A 247 -3.63 0.20 14.17
C GLU A 247 -4.77 -0.34 13.30
N VAL A 248 -6.00 -0.34 13.81
CA VAL A 248 -7.13 -0.70 12.98
C VAL A 248 -7.26 0.26 11.80
N LEU A 249 -7.09 1.57 12.03
CA LEU A 249 -7.20 2.55 10.95
C LEU A 249 -6.12 2.32 9.91
N ALA A 250 -4.89 2.07 10.37
CA ALA A 250 -3.79 1.84 9.44
C ALA A 250 -4.06 0.62 8.56
N ASP A 251 -4.47 -0.49 9.17
CA ASP A 251 -4.68 -1.70 8.37
C ASP A 251 -5.92 -1.63 7.51
N SER A 252 -6.95 -0.91 7.97
CA SER A 252 -8.11 -0.63 7.12
C SER A 252 -7.70 0.17 5.88
N CYS A 253 -6.87 1.19 6.08
CA CYS A 253 -6.35 1.96 4.97
C CYS A 253 -5.52 1.10 4.05
N TRP A 254 -4.67 0.20 4.59
CA TRP A 254 -3.91 -0.67 3.72
C TRP A 254 -4.88 -1.52 2.89
N ALA A 255 -5.95 -2.03 3.53
CA ALA A 255 -6.89 -2.86 2.77
C ALA A 255 -7.53 -2.07 1.64
N ILE A 256 -7.96 -0.85 1.93
CA ILE A 256 -8.57 -0.01 0.89
C ILE A 256 -7.55 0.29 -0.19
N SER A 257 -6.29 0.51 0.20
CA SER A 257 -5.28 0.76 -0.81
C SER A 257 -5.10 -0.44 -1.73
N TYR A 258 -5.22 -1.66 -1.19
CA TYR A 258 -5.11 -2.82 -2.08
C TYR A 258 -6.31 -2.89 -3.01
N LEU A 259 -7.51 -2.62 -2.50
CA LEU A 259 -8.74 -2.74 -3.29
C LEU A 259 -8.80 -1.72 -4.41
N THR A 260 -8.14 -0.56 -4.24
CA THR A 260 -8.10 0.50 -5.25
C THR A 260 -6.88 0.41 -6.15
N ASP A 261 -6.02 -0.57 -5.90
CA ASP A 261 -4.86 -0.83 -6.76
C ASP A 261 -5.30 -1.79 -7.86
N GLY A 262 -5.91 -1.24 -8.89
CA GLY A 262 -6.42 -2.06 -9.97
C GLY A 262 -7.24 -1.25 -10.98
N PRO A 263 -7.96 -1.94 -11.85
CA PRO A 263 -8.79 -1.26 -12.87
C PRO A 263 -9.86 -0.38 -12.25
N ASN A 264 -10.47 0.49 -13.08
CA ASN A 264 -11.40 1.49 -12.58
C ASN A 264 -12.62 0.88 -11.94
N GLU A 265 -12.98 -0.35 -12.34
CA GLU A 265 -14.14 -1.02 -11.79
C GLU A 265 -13.90 -1.38 -10.33
N ARG A 266 -12.67 -1.74 -10.00
CA ARG A 266 -12.36 -2.04 -8.61
C ARG A 266 -12.32 -0.77 -7.80
N ILE A 267 -11.73 0.30 -8.34
CA ILE A 267 -11.81 1.61 -7.70
C ILE A 267 -13.26 1.99 -7.44
N GLU A 268 -14.13 1.79 -8.45
CA GLU A 268 -15.51 2.26 -8.31
C GLU A 268 -16.23 1.54 -7.18
N MET A 269 -16.00 0.23 -7.03
CA MET A 269 -16.62 -0.52 -5.93
C MET A 269 -16.35 0.14 -4.59
N VAL A 270 -15.13 0.65 -4.41
CA VAL A 270 -14.71 1.27 -3.15
C VAL A 270 -15.30 2.68 -3.03
N VAL A 271 -15.13 3.48 -4.07
CA VAL A 271 -15.59 4.86 -4.04
C VAL A 271 -17.10 4.93 -3.80
N LYS A 272 -17.83 4.01 -4.41
CA LYS A 272 -19.29 3.97 -4.27
C LYS A 272 -19.71 3.77 -2.83
N LYS A 273 -18.86 3.17 -2.00
CA LYS A 273 -19.18 3.02 -0.59
C LYS A 273 -18.91 4.28 0.24
N GLY A 274 -18.46 5.36 -0.40
CA GLY A 274 -18.44 6.65 0.28
C GLY A 274 -17.27 6.87 1.19
N VAL A 275 -16.18 6.11 0.97
CA VAL A 275 -15.02 6.17 1.86
C VAL A 275 -14.10 7.35 1.61
N VAL A 276 -14.27 8.09 0.51
CA VAL A 276 -13.26 9.11 0.18
C VAL A 276 -13.17 10.21 1.23
N PRO A 277 -14.26 10.75 1.77
CA PRO A 277 -14.09 11.74 2.84
C PRO A 277 -13.29 11.22 4.01
N GLN A 278 -13.51 9.95 4.42
CA GLN A 278 -12.75 9.43 5.55
C GLN A 278 -11.30 9.24 5.18
N LEU A 279 -11.02 8.81 3.94
CA LEU A 279 -9.61 8.72 3.53
C LEU A 279 -8.93 10.09 3.62
N VAL A 280 -9.64 11.15 3.19
CA VAL A 280 -9.07 12.48 3.22
C VAL A 280 -8.84 12.96 4.63
N LYS A 281 -9.75 12.64 5.54
CA LYS A 281 -9.51 12.92 6.97
C LYS A 281 -8.27 12.22 7.49
N LEU A 282 -8.10 10.94 7.16
CA LEU A 282 -6.96 10.18 7.63
C LEU A 282 -5.65 10.63 6.98
N LEU A 283 -5.74 11.20 5.78
CA LEU A 283 -4.59 11.80 5.13
C LEU A 283 -3.97 12.89 6.02
N GLY A 284 -4.75 13.52 6.88
CA GLY A 284 -4.24 14.47 7.84
C GLY A 284 -3.86 13.92 9.20
N ALA A 285 -3.95 12.61 9.42
CA ALA A 285 -3.61 12.09 10.73
C ALA A 285 -2.19 12.49 11.12
N THR A 286 -1.92 12.49 12.43
CA THR A 286 -0.55 12.66 12.91
C THR A 286 0.26 11.39 12.73
N GLU A 287 -0.38 10.23 12.80
CA GLU A 287 0.33 8.97 12.77
C GLU A 287 0.72 8.62 11.34
N LEU A 288 2.02 8.59 11.08
CA LEU A 288 2.49 8.26 9.75
C LEU A 288 2.10 6.86 9.32
N PRO A 289 1.96 5.86 10.20
CA PRO A 289 1.38 4.57 9.80
C PRO A 289 -0.01 4.70 9.21
N ILE A 290 -0.74 5.77 9.52
CA ILE A 290 -2.05 5.98 8.89
C ILE A 290 -1.94 6.80 7.62
N VAL A 291 -1.19 7.89 7.67
CA VAL A 291 -1.07 8.75 6.50
C VAL A 291 -0.55 7.95 5.31
N THR A 292 0.46 7.11 5.53
CA THR A 292 1.08 6.41 4.41
C THR A 292 0.06 5.58 3.61
N PRO A 293 -0.74 4.68 4.21
CA PRO A 293 -1.73 3.96 3.40
C PRO A 293 -2.88 4.83 2.96
N ALA A 294 -3.32 5.83 3.74
CA ALA A 294 -4.38 6.72 3.27
C ALA A 294 -3.96 7.39 1.98
N LEU A 295 -2.72 7.86 1.94
CA LEU A 295 -2.20 8.53 0.76
C LEU A 295 -2.04 7.56 -0.40
N ARG A 296 -1.61 6.33 -0.14
CA ARG A 296 -1.56 5.34 -1.22
C ARG A 296 -2.94 5.09 -1.82
N ALA A 297 -3.96 4.96 -0.97
CA ALA A 297 -5.32 4.76 -1.43
C ALA A 297 -5.79 5.94 -2.26
N ILE A 298 -5.62 7.16 -1.74
CA ILE A 298 -5.99 8.35 -2.50
C ILE A 298 -5.25 8.38 -3.84
N GLY A 299 -3.95 8.16 -3.80
CA GLY A 299 -3.16 8.07 -5.03
C GLY A 299 -3.71 7.05 -6.01
N ASN A 300 -4.07 5.87 -5.51
CA ASN A 300 -4.64 4.87 -6.41
C ASN A 300 -5.95 5.35 -7.01
N ILE A 301 -6.80 5.97 -6.18
CA ILE A 301 -8.11 6.39 -6.66
C ILE A 301 -7.96 7.37 -7.82
N VAL A 302 -6.98 8.28 -7.75
CA VAL A 302 -6.88 9.30 -8.79
C VAL A 302 -6.20 8.78 -10.03
N THR A 303 -5.77 7.50 -10.07
CA THR A 303 -5.45 6.85 -11.34
C THR A 303 -6.70 6.43 -12.09
N GLY A 304 -7.88 6.60 -11.51
CA GLY A 304 -9.11 6.13 -12.12
C GLY A 304 -9.69 7.15 -13.08
N THR A 305 -11.01 7.28 -13.10
CA THR A 305 -11.59 8.21 -14.05
C THR A 305 -11.54 9.62 -13.50
N ASP A 306 -11.69 10.58 -14.41
CA ASP A 306 -11.78 11.96 -13.98
C ASP A 306 -12.87 12.15 -12.94
N GLU A 307 -13.95 11.37 -13.03
CA GLU A 307 -15.04 11.55 -12.08
C GLU A 307 -14.67 10.99 -10.70
N GLN A 308 -13.91 9.90 -10.70
CA GLN A 308 -13.38 9.36 -9.46
C GLN A 308 -12.37 10.31 -8.83
N THR A 309 -11.47 10.85 -9.64
CA THR A 309 -10.56 11.90 -9.18
C THR A 309 -11.31 13.10 -8.59
N GLN A 310 -12.44 13.46 -9.20
CA GLN A 310 -13.21 14.60 -8.71
C GLN A 310 -13.75 14.36 -7.33
N LYS A 311 -14.06 13.10 -7.00
CA LYS A 311 -14.53 12.86 -5.63
C LYS A 311 -13.45 13.17 -4.63
N VAL A 312 -12.20 12.85 -4.98
CA VAL A 312 -11.07 13.18 -4.11
C VAL A 312 -10.94 14.69 -3.95
N ILE A 313 -11.08 15.42 -5.06
CA ILE A 313 -10.99 16.87 -4.98
C ILE A 313 -12.17 17.43 -4.16
N ASP A 314 -13.38 16.94 -4.42
CA ASP A 314 -14.55 17.47 -3.71
C ASP A 314 -14.47 17.23 -2.22
N ALA A 315 -13.86 16.14 -1.81
CA ALA A 315 -13.72 15.83 -0.41
C ALA A 315 -12.67 16.68 0.30
N GLY A 316 -11.93 17.50 -0.42
CA GLY A 316 -11.01 18.43 0.24
C GLY A 316 -9.56 18.00 0.27
N ALA A 317 -9.18 17.00 -0.53
CA ALA A 317 -7.84 16.45 -0.42
C ALA A 317 -6.75 17.46 -0.76
N LEU A 318 -7.02 18.43 -1.63
CA LEU A 318 -5.93 19.26 -2.12
C LEU A 318 -5.40 20.17 -1.02
N ALA A 319 -6.25 20.53 -0.06
CA ALA A 319 -5.83 21.37 1.04
C ALA A 319 -4.82 20.69 1.94
N VAL A 320 -4.66 19.37 1.83
CA VAL A 320 -3.65 18.65 2.64
C VAL A 320 -2.29 18.66 1.96
N PHE A 321 -2.24 19.00 0.67
CA PHE A 321 -1.01 18.81 -0.05
C PHE A 321 0.08 19.84 0.21
N PRO A 322 -0.20 21.06 0.67
CA PRO A 322 0.95 21.88 1.15
C PRO A 322 1.80 21.14 2.16
N SER A 323 1.15 20.46 3.12
N SER A 323 1.14 20.46 3.11
CA SER A 323 1.91 19.67 4.10
CA SER A 323 1.88 19.68 4.10
C SER A 323 2.52 18.42 3.48
C SER A 323 2.51 18.42 3.50
N LEU A 324 1.77 17.69 2.66
CA LEU A 324 2.29 16.43 2.14
C LEU A 324 3.51 16.67 1.26
N LEU A 325 3.47 17.74 0.47
CA LEU A 325 4.51 18.05 -0.49
C LEU A 325 5.75 18.64 0.17
N THR A 326 5.66 18.96 1.46
CA THR A 326 6.82 19.32 2.27
C THR A 326 7.09 18.36 3.42
N ASN A 327 6.47 17.20 3.40
CA ASN A 327 6.56 16.29 4.53
C ASN A 327 7.99 15.82 4.70
N PRO A 328 8.48 15.77 5.94
CA PRO A 328 9.90 15.41 6.12
C PRO A 328 10.21 13.97 5.75
N LYS A 329 9.21 13.10 5.63
CA LYS A 329 9.49 11.73 5.15
C LYS A 329 9.49 11.72 3.63
N THR A 330 10.59 11.28 3.03
N THR A 330 10.61 11.27 3.06
CA THR A 330 10.71 11.33 1.58
CA THR A 330 10.79 11.24 1.61
C THR A 330 9.69 10.45 0.88
C THR A 330 9.68 10.46 0.93
N ASN A 331 9.33 9.31 1.49
CA ASN A 331 8.31 8.46 0.88
C ASN A 331 6.96 9.19 0.75
N ILE A 332 6.58 9.97 1.77
CA ILE A 332 5.34 10.73 1.69
C ILE A 332 5.44 11.81 0.59
N GLN A 333 6.53 12.55 0.54
CA GLN A 333 6.67 13.58 -0.50
C GLN A 333 6.59 12.94 -1.87
N LYS A 334 7.25 11.79 -2.04
CA LYS A 334 7.20 11.10 -3.33
C LYS A 334 5.79 10.71 -3.70
N GLU A 335 5.08 10.05 -2.79
CA GLU A 335 3.76 9.56 -3.13
C GLU A 335 2.79 10.72 -3.32
N ALA A 336 2.95 11.78 -2.54
CA ALA A 336 2.12 12.97 -2.73
C ALA A 336 2.37 13.62 -4.10
N THR A 337 3.63 13.66 -4.54
CA THR A 337 3.91 14.23 -5.86
C THR A 337 3.41 13.31 -6.99
N TRP A 338 3.53 11.99 -6.83
CA TRP A 338 2.93 11.04 -7.78
C TRP A 338 1.43 11.24 -7.86
N THR A 339 0.77 11.35 -6.71
CA THR A 339 -0.66 11.64 -6.69
C THR A 339 -0.94 12.92 -7.46
N MET A 340 -0.13 13.95 -7.24
CA MET A 340 -0.37 15.22 -7.92
C MET A 340 -0.26 15.05 -9.42
N SER A 341 0.68 14.23 -9.87
CA SER A 341 0.90 14.04 -11.30
C SER A 341 -0.31 13.38 -11.95
N ASN A 342 -1.04 12.55 -11.22
CA ASN A 342 -2.23 11.98 -11.81
C ASN A 342 -3.42 12.90 -11.67
N ILE A 343 -3.35 13.91 -10.83
CA ILE A 343 -4.40 14.92 -10.83
C ILE A 343 -4.20 15.94 -11.94
N THR A 344 -2.94 16.31 -12.21
CA THR A 344 -2.68 17.28 -13.26
C THR A 344 -2.80 16.64 -14.65
N ALA A 345 -2.96 15.33 -14.70
CA ALA A 345 -3.34 14.68 -15.94
C ALA A 345 -4.85 14.71 -16.18
N GLY A 346 -5.61 15.37 -15.30
CA GLY A 346 -7.04 15.44 -15.40
C GLY A 346 -7.55 16.56 -16.29
N ARG A 347 -8.80 16.94 -16.05
CA ARG A 347 -9.49 17.92 -16.84
C ARG A 347 -8.95 19.29 -16.50
N GLN A 348 -9.21 20.25 -17.38
CA GLN A 348 -8.75 21.62 -17.15
C GLN A 348 -9.34 22.20 -15.89
N ASP A 349 -10.57 21.86 -15.54
CA ASP A 349 -11.14 22.38 -14.31
C ASP A 349 -10.48 21.75 -13.07
N GLN A 350 -9.87 20.55 -13.22
CA GLN A 350 -9.15 19.94 -12.10
C GLN A 350 -7.76 20.55 -11.98
N ILE A 351 -7.08 20.76 -13.09
CA ILE A 351 -5.88 21.59 -13.06
C ILE A 351 -6.19 22.92 -12.37
N GLN A 352 -7.34 23.50 -12.67
CA GLN A 352 -7.63 24.81 -12.10
C GLN A 352 -7.78 24.75 -10.60
N GLN A 353 -8.29 23.64 -10.05
CA GLN A 353 -8.38 23.54 -8.61
C GLN A 353 -6.99 23.32 -8.00
N VAL A 354 -6.07 22.70 -8.74
CA VAL A 354 -4.68 22.62 -8.29
C VAL A 354 -4.10 24.01 -8.16
N VAL A 355 -4.27 24.83 -9.21
CA VAL A 355 -3.89 26.24 -9.17
C VAL A 355 -4.54 26.93 -7.97
N ASN A 356 -5.88 26.79 -7.84
CA ASN A 356 -6.58 27.55 -6.81
C ASN A 356 -6.11 27.19 -5.41
N HIS A 357 -5.73 25.94 -5.19
CA HIS A 357 -5.27 25.54 -3.88
C HIS A 357 -3.85 25.96 -3.60
N GLY A 358 -3.20 26.69 -4.52
CA GLY A 358 -1.85 27.16 -4.29
C GLY A 358 -0.77 26.12 -4.47
N LEU A 359 -1.05 25.04 -5.20
CA LEU A 359 -0.13 23.92 -5.23
C LEU A 359 0.97 24.06 -6.26
N VAL A 360 0.88 25.00 -7.20
CA VAL A 360 1.96 25.12 -8.19
C VAL A 360 3.25 25.54 -7.51
N PRO A 361 3.27 26.55 -6.63
CA PRO A 361 4.50 26.81 -5.87
C PRO A 361 5.06 25.61 -5.14
N PHE A 362 4.21 24.73 -4.62
CA PHE A 362 4.72 23.53 -3.97
C PHE A 362 5.38 22.60 -4.97
N LEU A 363 4.84 22.49 -6.17
CA LEU A 363 5.50 21.69 -7.19
C LEU A 363 6.83 22.32 -7.62
N VAL A 364 6.87 23.66 -7.73
CA VAL A 364 8.15 24.31 -8.02
C VAL A 364 9.15 23.98 -6.92
N GLY A 365 8.68 23.91 -5.68
CA GLY A 365 9.58 23.62 -4.58
C GLY A 365 10.22 22.24 -4.68
N VAL A 366 9.38 21.21 -4.89
N VAL A 366 9.40 21.21 -4.91
CA VAL A 366 9.90 19.84 -4.96
CA VAL A 366 9.93 19.86 -4.93
C VAL A 366 10.87 19.72 -6.12
C VAL A 366 10.85 19.66 -6.13
N LEU A 367 10.51 20.28 -7.27
CA LEU A 367 11.42 20.29 -8.40
C LEU A 367 12.74 20.98 -8.05
N SER A 368 12.70 22.07 -7.27
CA SER A 368 13.94 22.74 -6.86
C SER A 368 14.79 21.89 -5.92
N LYS A 369 14.15 21.19 -4.98
CA LYS A 369 14.90 20.47 -3.96
C LYS A 369 14.01 19.37 -3.39
N ALA A 370 14.42 18.14 -3.64
CA ALA A 370 13.75 16.97 -3.10
C ALA A 370 14.65 15.79 -3.42
N ASP A 371 14.33 14.65 -2.84
CA ASP A 371 14.92 13.40 -3.28
C ASP A 371 14.74 13.26 -4.78
N PHE A 372 15.73 12.67 -5.46
CA PHE A 372 15.64 12.64 -6.92
C PHE A 372 14.41 11.88 -7.42
N LYS A 373 13.99 10.84 -6.71
CA LYS A 373 12.79 10.12 -7.13
C LYS A 373 11.56 11.01 -7.05
N THR A 374 11.48 11.88 -6.04
CA THR A 374 10.38 12.86 -5.97
C THR A 374 10.47 13.88 -7.10
N GLN A 375 11.68 14.34 -7.41
CA GLN A 375 11.80 15.32 -8.49
C GLN A 375 11.30 14.73 -9.80
N LYS A 376 11.50 13.42 -9.98
CA LYS A 376 11.02 12.76 -11.18
C LYS A 376 9.50 12.80 -11.25
N GLU A 377 8.82 12.47 -10.13
CA GLU A 377 7.37 12.59 -10.12
C GLU A 377 6.95 14.03 -10.40
N ALA A 378 7.73 15.01 -9.90
CA ALA A 378 7.37 16.40 -10.12
C ALA A 378 7.50 16.78 -11.59
N ALA A 379 8.54 16.28 -12.26
CA ALA A 379 8.66 16.50 -13.70
C ALA A 379 7.45 15.95 -14.43
N TRP A 380 7.00 14.75 -14.04
CA TRP A 380 5.80 14.16 -14.63
C TRP A 380 4.58 15.02 -14.32
N ALA A 381 4.44 15.46 -13.07
CA ALA A 381 3.28 16.29 -12.76
C ALA A 381 3.28 17.56 -13.63
N ILE A 382 4.46 18.12 -13.89
CA ILE A 382 4.52 19.34 -14.73
C ILE A 382 4.19 19.01 -16.20
N THR A 383 4.79 17.94 -16.75
CA THR A 383 4.47 17.60 -18.13
C THR A 383 2.97 17.40 -18.31
N ASN A 384 2.36 16.64 -17.40
CA ASN A 384 0.92 16.42 -17.50
C ASN A 384 0.16 17.72 -17.47
N TYR A 385 0.54 18.60 -16.54
CA TYR A 385 -0.10 19.91 -16.44
C TYR A 385 0.04 20.67 -17.76
N THR A 386 1.25 20.68 -18.35
CA THR A 386 1.43 21.42 -19.60
C THR A 386 0.70 20.74 -20.76
N SER A 387 0.54 19.41 -20.70
CA SER A 387 -0.15 18.69 -21.77
C SER A 387 -1.62 19.03 -21.83
N GLY A 388 -2.28 19.15 -20.68
CA GLY A 388 -3.71 19.39 -20.70
C GLY A 388 -4.17 20.77 -20.32
N GLY A 389 -3.26 21.62 -19.89
CA GLY A 389 -3.70 22.88 -19.35
C GLY A 389 -4.04 23.92 -20.43
N THR A 390 -4.87 24.89 -20.05
CA THR A 390 -5.08 26.08 -20.85
C THR A 390 -3.80 26.90 -20.98
N VAL A 391 -3.83 27.86 -21.90
CA VAL A 391 -2.65 28.70 -22.08
C VAL A 391 -2.40 29.53 -20.81
N GLU A 392 -3.46 30.08 -20.21
CA GLU A 392 -3.35 30.83 -18.98
C GLU A 392 -2.72 29.99 -17.86
N GLN A 393 -3.17 28.74 -17.74
CA GLN A 393 -2.63 27.84 -16.73
C GLN A 393 -1.16 27.59 -16.98
N ILE A 394 -0.78 27.36 -18.25
CA ILE A 394 0.64 27.06 -18.53
C ILE A 394 1.50 28.28 -18.30
N VAL A 395 1.00 29.47 -18.67
CA VAL A 395 1.71 30.73 -18.40
C VAL A 395 1.94 30.88 -16.91
N TYR A 396 0.93 30.54 -16.11
CA TYR A 396 1.03 30.68 -14.66
C TYR A 396 2.22 29.89 -14.13
N LEU A 397 2.49 28.73 -14.72
CA LEU A 397 3.64 27.93 -14.31
C LEU A 397 4.91 28.73 -14.40
N VAL A 398 5.09 29.45 -15.50
CA VAL A 398 6.33 30.20 -15.68
C VAL A 398 6.42 31.31 -14.65
N HIS A 399 5.32 32.03 -14.45
CA HIS A 399 5.29 33.09 -13.45
C HIS A 399 5.62 32.57 -12.04
N CYS A 400 5.21 31.33 -11.71
CA CYS A 400 5.57 30.73 -10.42
C CYS A 400 7.01 30.27 -10.33
N GLY A 401 7.76 30.32 -11.41
CA GLY A 401 9.15 29.98 -11.39
C GLY A 401 9.55 28.58 -11.84
N ILE A 402 8.78 27.95 -12.74
CA ILE A 402 9.07 26.56 -13.09
C ILE A 402 10.35 26.41 -13.93
N ILE A 403 10.70 27.40 -14.74
CA ILE A 403 11.72 27.17 -15.77
C ILE A 403 13.07 26.83 -15.15
N GLU A 404 13.56 27.67 -14.25
CA GLU A 404 14.92 27.42 -13.76
C GLU A 404 15.08 26.04 -13.14
N PRO A 405 14.26 25.61 -12.19
CA PRO A 405 14.46 24.28 -11.60
C PRO A 405 14.29 23.14 -12.60
N LEU A 406 13.41 23.32 -13.59
CA LEU A 406 13.25 22.35 -14.66
C LEU A 406 14.54 22.23 -15.48
N MET A 407 15.13 23.37 -15.87
CA MET A 407 16.40 23.31 -16.60
C MET A 407 17.48 22.64 -15.78
N ASN A 408 17.56 22.93 -14.48
CA ASN A 408 18.64 22.36 -13.70
C ASN A 408 18.58 20.84 -13.67
N LEU A 409 17.42 20.27 -13.96
CA LEU A 409 17.25 18.82 -13.96
C LEU A 409 17.62 18.19 -15.29
N LEU A 410 17.86 18.99 -16.33
CA LEU A 410 18.37 18.49 -17.59
C LEU A 410 19.82 18.05 -17.49
N SER A 411 20.43 18.18 -16.32
CA SER A 411 21.79 17.72 -16.07
C SER A 411 21.81 16.36 -15.41
N ALA A 412 20.67 15.70 -15.34
CA ALA A 412 20.57 14.41 -14.69
C ALA A 412 20.77 13.29 -15.71
N LYS A 413 21.16 12.14 -15.20
CA LYS A 413 21.51 11.00 -16.05
C LYS A 413 20.28 10.29 -16.58
N ASP A 414 19.27 10.10 -15.74
CA ASP A 414 18.06 9.42 -16.16
C ASP A 414 17.57 10.02 -17.47
N THR A 415 17.59 9.20 -18.53
CA THR A 415 17.19 9.71 -19.82
C THR A 415 15.69 9.92 -19.90
N LYS A 416 14.91 9.21 -19.07
CA LYS A 416 13.46 9.36 -19.16
C LYS A 416 13.01 10.70 -18.60
N ILE A 417 13.63 11.17 -17.52
CA ILE A 417 13.24 12.48 -17.00
C ILE A 417 13.54 13.55 -18.03
N ILE A 418 14.68 13.45 -18.73
CA ILE A 418 15.02 14.43 -19.76
C ILE A 418 13.97 14.47 -20.84
N GLN A 419 13.47 13.32 -21.28
CA GLN A 419 12.40 13.33 -22.26
C GLN A 419 11.18 14.04 -21.70
N VAL A 420 10.88 13.80 -20.42
CA VAL A 420 9.72 14.41 -19.79
C VAL A 420 9.88 15.92 -19.76
N ILE A 421 11.04 16.38 -19.30
CA ILE A 421 11.28 17.81 -19.20
C ILE A 421 11.19 18.44 -20.57
N LEU A 422 11.85 17.82 -21.56
CA LEU A 422 11.83 18.38 -22.91
C LEU A 422 10.40 18.47 -23.45
N ASP A 423 9.58 17.45 -23.18
CA ASP A 423 8.18 17.51 -23.58
C ASP A 423 7.46 18.69 -22.92
N ALA A 424 7.76 18.96 -21.66
CA ALA A 424 7.10 20.08 -21.00
C ALA A 424 7.53 21.41 -21.61
N ILE A 425 8.82 21.57 -21.85
CA ILE A 425 9.33 22.79 -22.48
C ILE A 425 8.58 23.06 -23.79
N SER A 426 8.50 22.06 -24.68
CA SER A 426 7.76 22.26 -25.92
C SER A 426 6.35 22.76 -25.64
N ASN A 427 5.64 22.06 -24.76
CA ASN A 427 4.28 22.45 -24.44
C ASN A 427 4.23 23.89 -23.99
N ILE A 428 5.26 24.32 -23.24
CA ILE A 428 5.26 25.69 -22.74
C ILE A 428 5.54 26.66 -23.87
N PHE A 429 6.52 26.33 -24.74
CA PHE A 429 6.73 27.18 -25.91
C PHE A 429 5.46 27.28 -26.74
N GLN A 430 4.83 26.13 -27.03
CA GLN A 430 3.61 26.15 -27.82
C GLN A 430 2.56 27.07 -27.23
N ALA A 431 2.49 27.16 -25.90
CA ALA A 431 1.55 28.10 -25.29
C ALA A 431 2.03 29.53 -25.46
N ALA A 432 3.34 29.75 -25.39
CA ALA A 432 3.84 31.10 -25.55
C ALA A 432 3.64 31.59 -26.98
N GLU A 433 3.91 30.74 -27.98
CA GLU A 433 3.59 31.08 -29.36
C GLU A 433 2.20 31.70 -29.47
N LYS A 434 1.17 31.01 -28.96
CA LYS A 434 -0.19 31.52 -29.00
C LYS A 434 -0.32 32.92 -28.41
N LEU A 435 0.72 33.39 -27.70
CA LEU A 435 0.77 34.77 -27.22
C LEU A 435 1.89 35.56 -27.87
N GLY A 436 2.64 34.96 -28.79
CA GLY A 436 3.71 35.65 -29.48
C GLY A 436 4.94 35.90 -28.63
N GLU A 437 5.09 35.20 -27.50
CA GLU A 437 6.13 35.52 -26.54
C GLU A 437 7.19 34.44 -26.45
N THR A 438 7.45 33.75 -27.57
CA THR A 438 8.47 32.70 -27.58
C THR A 438 9.84 33.23 -27.21
N GLU A 439 10.21 34.42 -27.68
CA GLU A 439 11.53 34.95 -27.36
C GLU A 439 11.69 35.18 -25.86
N LYS A 440 10.68 35.76 -25.21
CA LYS A 440 10.79 36.04 -23.78
C LYS A 440 11.16 34.79 -23.02
N LEU A 441 10.54 33.67 -23.40
CA LEU A 441 10.86 32.38 -22.79
C LEU A 441 12.27 31.94 -23.17
N SER A 442 12.59 32.04 -24.47
CA SER A 442 13.94 31.68 -24.93
C SER A 442 14.99 32.44 -24.12
N ILE A 443 14.75 33.74 -23.89
CA ILE A 443 15.66 34.51 -23.04
C ILE A 443 15.76 33.87 -21.67
N MET A 444 14.61 33.74 -20.99
CA MET A 444 14.56 33.10 -19.69
C MET A 444 15.41 31.85 -19.67
N ILE A 445 15.22 30.99 -20.68
CA ILE A 445 15.94 29.72 -20.73
C ILE A 445 17.43 29.96 -20.90
N GLU A 446 17.81 30.96 -21.70
CA GLU A 446 19.23 31.26 -21.88
C GLU A 446 19.84 31.72 -20.56
N GLU A 447 19.16 32.62 -19.85
CA GLU A 447 19.76 33.25 -18.67
C GLU A 447 20.00 32.30 -17.51
N CYS A 448 19.29 31.17 -17.41
CA CYS A 448 19.55 30.24 -16.32
C CYS A 448 20.44 29.09 -16.75
N GLY A 449 20.96 29.11 -17.97
CA GLY A 449 21.82 28.08 -18.47
C GLY A 449 21.10 26.93 -19.15
N GLY A 450 19.81 27.06 -19.41
CA GLY A 450 19.07 25.94 -19.96
C GLY A 450 19.49 25.66 -21.39
N LEU A 451 19.64 26.71 -22.20
CA LEU A 451 20.06 26.52 -23.58
C LEU A 451 21.38 25.75 -23.67
N ASP A 452 22.35 26.08 -22.82
CA ASP A 452 23.57 25.29 -22.74
C ASP A 452 23.24 23.80 -22.67
N LYS A 453 22.38 23.43 -21.72
CA LYS A 453 22.06 22.01 -21.54
C LYS A 453 21.28 21.47 -22.72
N ILE A 454 20.26 22.20 -23.19
CA ILE A 454 19.49 21.75 -24.35
C ILE A 454 20.43 21.45 -25.52
N GLU A 455 21.50 22.25 -25.66
CA GLU A 455 22.48 22.03 -26.72
C GLU A 455 23.30 20.79 -26.46
N ALA A 456 23.92 20.69 -25.28
CA ALA A 456 24.64 19.47 -24.92
C ALA A 456 23.78 18.23 -25.14
N LEU A 457 22.45 18.38 -25.03
CA LEU A 457 21.54 17.27 -25.23
C LEU A 457 21.48 16.82 -26.68
N GLN A 458 21.71 17.75 -27.62
CA GLN A 458 21.79 17.37 -29.02
C GLN A 458 22.74 16.20 -29.23
N ARG A 459 23.68 16.01 -28.29
CA ARG A 459 24.72 15.00 -28.40
C ARG A 459 24.65 14.05 -27.21
N HIS A 460 23.54 13.33 -27.07
CA HIS A 460 23.28 12.40 -25.98
C HIS A 460 22.83 11.05 -26.54
N GLU A 461 23.23 9.95 -25.89
CA GLU A 461 23.01 8.62 -26.45
C GLU A 461 21.62 8.46 -27.06
N ASN A 462 20.58 8.79 -26.29
CA ASN A 462 19.21 8.58 -26.75
C ASN A 462 18.88 9.50 -27.92
N GLU A 463 18.07 8.98 -28.83
CA GLU A 463 17.75 9.69 -30.06
C GLU A 463 16.46 10.47 -29.98
N SER A 464 15.49 10.06 -29.17
CA SER A 464 14.36 10.94 -28.93
C SER A 464 14.81 12.21 -28.21
N VAL A 465 15.85 12.12 -27.37
CA VAL A 465 16.45 13.31 -26.79
C VAL A 465 17.06 14.18 -27.89
N TYR A 466 17.93 13.58 -28.72
CA TYR A 466 18.45 14.21 -29.93
C TYR A 466 17.39 15.05 -30.63
N LYS A 467 16.37 14.36 -31.12
CA LYS A 467 15.34 15.00 -31.93
C LYS A 467 14.69 16.15 -31.19
N ALA A 468 14.33 15.93 -29.93
CA ALA A 468 13.65 16.94 -29.15
C ALA A 468 14.53 18.16 -28.91
N SER A 469 15.78 17.94 -28.49
CA SER A 469 16.68 19.08 -28.26
C SER A 469 16.87 19.85 -29.56
N LEU A 470 17.12 19.15 -30.66
CA LEU A 470 17.29 19.81 -31.96
C LEU A 470 16.09 20.69 -32.31
N ASN A 471 14.88 20.14 -32.26
CA ASN A 471 13.71 20.91 -32.67
C ASN A 471 13.56 22.19 -31.83
N LEU A 472 13.82 22.10 -30.52
CA LEU A 472 13.70 23.29 -29.69
C LEU A 472 14.68 24.37 -30.16
N ILE A 473 15.94 23.99 -30.37
CA ILE A 473 16.96 24.98 -30.75
C ILE A 473 16.64 25.54 -32.14
N GLU A 474 16.36 24.67 -33.10
CA GLU A 474 16.01 25.13 -34.44
C GLU A 474 14.81 26.06 -34.41
N LYS A 475 13.77 25.68 -33.66
CA LYS A 475 12.46 26.28 -33.80
C LYS A 475 12.28 27.54 -32.95
N TYR A 476 13.09 27.73 -31.90
CA TYR A 476 12.88 28.79 -30.93
C TYR A 476 14.12 29.62 -30.63
N PHE A 477 15.30 29.17 -31.01
CA PHE A 477 16.55 29.79 -30.58
C PHE A 477 17.45 30.15 -31.77
N SER A 478 16.90 30.68 -32.86
CA SER A 478 17.72 30.97 -34.05
C SER A 478 17.30 32.21 -34.83
N PHE B 12 12.71 6.71 5.68
CA PHE B 12 11.99 5.57 6.23
C PHE B 12 10.58 5.48 5.64
N GLU B 13 10.15 4.25 5.37
CA GLU B 13 8.88 3.96 4.73
C GLU B 13 8.06 2.99 5.58
N PHE B 14 6.79 3.35 5.82
CA PHE B 14 5.84 2.47 6.49
C PHE B 14 5.22 1.49 5.50
N VAL B 15 5.17 0.21 5.86
CA VAL B 15 4.67 -0.83 4.96
C VAL B 15 3.78 -1.78 5.74
N PRO B 16 2.89 -2.47 5.03
CA PRO B 16 2.03 -3.43 5.71
C PRO B 16 2.87 -4.63 6.15
N ASN B 17 2.30 -5.42 7.06
CA ASN B 17 2.93 -6.67 7.55
C ASN B 17 2.32 -7.86 6.85
N LYS B 19 3.17 -11.27 7.06
CA LYS B 19 2.95 -12.34 8.03
C LYS B 19 3.41 -11.80 9.39
N LYS B 20 2.86 -12.36 10.45
CA LYS B 20 3.17 -11.95 11.81
C LYS B 20 3.41 -13.17 12.67
N GLN B 21 4.56 -13.23 13.33
CA GLN B 21 4.83 -14.28 14.30
C GLN B 21 4.22 -13.85 15.64
N LYS B 22 3.65 -14.79 16.39
CA LYS B 22 3.16 -14.50 17.74
C LYS B 22 4.24 -14.87 18.75
N CYS B 23 4.89 -13.86 19.32
CA CYS B 23 6.01 -14.06 20.23
C CYS B 23 5.59 -14.07 21.69
N GLY B 24 4.37 -13.63 21.96
CA GLY B 24 3.76 -13.71 23.28
C GLY B 24 2.26 -13.52 23.10
#